data_6HVK
#
_entry.id   6HVK
#
_entity_poly.entity_id   1
_entity_poly.type   'polypeptide(L)'
_entity_poly.pdbx_seq_one_letter_code
;(ACE)RPLDTVQRPKGY(NH2)
;
_entity_poly.pdbx_strand_id   A
#
# COMPACT_ATOMS: atom_id res chain seq x y z
N ARG A 2 -2.12 7.48 7.19
CA ARG A 2 -2.46 6.77 5.94
C ARG A 2 -2.67 5.25 6.24
N PRO A 3 -3.90 4.74 6.57
CA PRO A 3 -4.16 3.27 6.63
C PRO A 3 -4.12 2.52 5.25
N LEU A 4 -4.50 3.20 4.15
CA LEU A 4 -4.35 2.71 2.75
C LEU A 4 -2.90 2.89 2.15
N ASP A 5 -1.86 2.65 2.96
CA ASP A 5 -0.48 2.40 2.49
C ASP A 5 -0.28 1.05 1.68
N THR A 6 -1.23 0.10 1.80
CA THR A 6 -1.18 -1.26 1.17
C THR A 6 -2.27 -1.52 0.05
N VAL A 7 -2.98 -0.47 -0.39
CA VAL A 7 -4.02 -0.51 -1.46
C VAL A 7 -3.44 0.11 -2.79
N GLN A 8 -2.95 1.35 -2.75
CA GLN A 8 -2.26 2.00 -3.90
C GLN A 8 -0.84 1.44 -4.25
N ARG A 9 -0.06 1.02 -3.24
CA ARG A 9 1.33 0.55 -3.41
C ARG A 9 1.72 -0.33 -2.18
N PRO A 10 1.36 -1.65 -2.07
CA PRO A 10 1.83 -2.51 -0.95
C PRO A 10 3.35 -2.81 -0.98
N LYS A 11 3.80 -3.62 -0.02
CA LYS A 11 5.19 -4.16 -0.02
C LYS A 11 5.42 -5.38 -1.00
N GLY A 12 4.80 -5.31 -2.19
CA GLY A 12 5.12 -6.17 -3.37
C GLY A 12 5.32 -5.44 -4.73
N TYR A 13 5.62 -4.13 -4.71
CA TYR A 13 5.84 -3.29 -5.93
C TYR A 13 7.23 -2.57 -5.80
N ARG A 2 -1.50 7.40 6.24
CA ARG A 2 -2.83 6.87 5.84
C ARG A 2 -2.98 5.33 6.15
N PRO A 3 -4.18 4.78 6.53
CA PRO A 3 -4.37 3.29 6.62
C PRO A 3 -4.28 2.48 5.27
N LEU A 4 -4.63 3.11 4.15
CA LEU A 4 -4.45 2.58 2.78
C LEU A 4 -2.99 2.74 2.20
N ASP A 5 -1.96 2.52 3.03
CA ASP A 5 -0.55 2.30 2.56
C ASP A 5 -0.29 0.93 1.81
N THR A 6 -1.26 0.00 1.85
CA THR A 6 -1.21 -1.34 1.18
C THR A 6 -2.28 -1.58 0.04
N VAL A 7 -3.03 -0.53 -0.35
CA VAL A 7 -4.04 -0.53 -1.46
C VAL A 7 -3.45 0.13 -2.75
N GLN A 8 -2.97 1.38 -2.65
CA GLN A 8 -2.26 2.08 -3.76
C GLN A 8 -0.82 1.57 -4.10
N ARG A 9 -0.08 1.08 -3.11
CA ARG A 9 1.32 0.62 -3.27
C ARG A 9 1.71 -0.34 -2.08
N PRO A 10 1.34 -1.65 -2.04
CA PRO A 10 1.80 -2.54 -0.94
C PRO A 10 3.33 -2.82 -0.92
N LYS A 11 3.77 -3.64 0.03
CA LYS A 11 5.16 -4.21 -0.01
C LYS A 11 5.42 -5.36 -1.05
N GLY A 12 4.78 -5.28 -2.23
CA GLY A 12 5.12 -6.08 -3.44
C GLY A 12 5.35 -5.29 -4.77
N TYR A 13 5.62 -3.97 -4.70
CA TYR A 13 5.91 -3.11 -5.88
C TYR A 13 7.28 -2.39 -5.69
N ARG A 2 -2.00 7.55 7.11
CA ARG A 2 -2.42 6.82 5.88
C ARG A 2 -2.66 5.30 6.21
N PRO A 3 -3.90 4.80 6.54
CA PRO A 3 -4.16 3.33 6.62
C PRO A 3 -4.16 2.57 5.24
N LEU A 4 -4.53 3.25 4.14
CA LEU A 4 -4.39 2.72 2.75
C LEU A 4 -2.94 2.87 2.16
N ASP A 5 -1.89 2.62 2.95
CA ASP A 5 -0.49 2.41 2.45
C ASP A 5 -0.23 1.03 1.72
N THR A 6 -1.21 0.10 1.78
CA THR A 6 -1.15 -1.26 1.15
C THR A 6 -2.25 -1.52 0.04
N VAL A 7 -2.97 -0.48 -0.39
CA VAL A 7 -4.02 -0.52 -1.45
C VAL A 7 -3.45 0.08 -2.77
N GLN A 8 -2.97 1.34 -2.74
CA GLN A 8 -2.28 1.98 -3.89
C GLN A 8 -0.84 1.44 -4.23
N ARG A 9 -0.08 1.00 -3.21
CA ARG A 9 1.32 0.54 -3.37
C ARG A 9 1.72 -0.36 -2.15
N PRO A 10 1.37 -1.67 -2.07
CA PRO A 10 1.84 -2.54 -0.95
C PRO A 10 3.37 -2.82 -0.95
N LYS A 11 3.83 -3.60 0.03
CA LYS A 11 5.19 -4.20 -0.01
C LYS A 11 5.40 -5.40 -1.03
N GLY A 12 4.78 -5.31 -2.21
CA GLY A 12 5.10 -6.15 -3.41
C GLY A 12 5.31 -5.41 -4.75
N TYR A 13 5.61 -4.10 -4.73
CA TYR A 13 5.87 -3.28 -5.94
C TYR A 13 7.24 -2.55 -5.80
N ARG A 2 -1.06 7.00 6.22
CA ARG A 2 -2.49 6.68 5.90
C ARG A 2 -2.86 5.17 6.19
N PRO A 3 -4.13 4.79 6.49
CA PRO A 3 -4.54 3.35 6.55
C PRO A 3 -4.46 2.56 5.18
N LEU A 4 -4.73 3.25 4.06
CA LEU A 4 -4.56 2.70 2.68
C LEU A 4 -3.12 2.88 2.08
N ASP A 5 -2.07 2.68 2.91
CA ASP A 5 -0.67 2.49 2.42
C ASP A 5 -0.38 1.11 1.71
N THR A 6 -1.33 0.15 1.79
CA THR A 6 -1.22 -1.22 1.19
C THR A 6 -2.30 -1.55 0.09
N VAL A 7 -3.04 -0.54 -0.40
CA VAL A 7 -4.09 -0.62 -1.46
C VAL A 7 -3.54 -0.02 -2.80
N GLN A 8 -3.09 1.24 -2.77
CA GLN A 8 -2.41 1.90 -3.92
C GLN A 8 -0.97 1.40 -4.24
N ARG A 9 -0.19 1.02 -3.20
CA ARG A 9 1.22 0.60 -3.36
C ARG A 9 1.63 -0.28 -2.13
N PRO A 10 1.33 -1.60 -2.02
CA PRO A 10 1.82 -2.43 -0.88
C PRO A 10 3.35 -2.67 -0.87
N LYS A 11 3.82 -3.43 0.13
CA LYS A 11 5.22 -3.96 0.12
C LYS A 11 5.48 -5.17 -0.87
N GLY A 12 4.85 -5.15 -2.06
CA GLY A 12 5.21 -6.01 -3.22
C GLY A 12 5.41 -5.29 -4.59
N TYR A 13 5.68 -3.98 -4.59
CA TYR A 13 5.90 -3.16 -5.82
C TYR A 13 7.26 -2.39 -5.69
N ARG A 2 -2.71 7.73 7.12
CA ARG A 2 -2.45 6.95 5.85
C ARG A 2 -2.69 5.40 5.98
N PRO A 3 -3.91 4.89 6.38
CA PRO A 3 -4.14 3.42 6.52
C PRO A 3 -4.13 2.60 5.18
N LEU A 4 -4.51 3.26 4.06
CA LEU A 4 -4.34 2.76 2.68
C LEU A 4 -2.90 2.94 2.08
N ASP A 5 -1.84 2.74 2.88
CA ASP A 5 -0.45 2.52 2.38
C ASP A 5 -0.20 1.13 1.68
N THR A 6 -1.16 0.19 1.78
CA THR A 6 -1.11 -1.19 1.20
C THR A 6 -2.18 -1.48 0.07
N VAL A 7 -3.00 -0.48 -0.30
CA VAL A 7 -4.03 -0.55 -1.38
C VAL A 7 -3.46 0.02 -2.72
N GLN A 8 -3.00 1.28 -2.73
CA GLN A 8 -2.34 1.91 -3.89
C GLN A 8 -0.91 1.39 -4.24
N ARG A 9 -0.12 0.98 -3.23
CA ARG A 9 1.28 0.54 -3.42
C ARG A 9 1.71 -0.34 -2.18
N PRO A 10 1.37 -1.66 -2.05
CA PRO A 10 1.86 -2.49 -0.93
C PRO A 10 3.39 -2.78 -0.94
N LYS A 11 3.86 -3.55 0.04
CA LYS A 11 5.24 -4.13 0.01
C LYS A 11 5.46 -5.34 -0.99
N GLY A 12 4.80 -5.30 -2.16
CA GLY A 12 5.12 -6.17 -3.32
C GLY A 12 5.31 -5.46 -4.69
N TYR A 13 5.61 -4.16 -4.71
CA TYR A 13 5.82 -3.35 -5.95
C TYR A 13 7.20 -2.61 -5.85
N ARG A 2 -1.29 7.18 6.51
CA ARG A 2 -2.65 6.75 6.05
C ARG A 2 -2.86 5.21 6.25
N PRO A 3 -4.09 4.69 6.58
CA PRO A 3 -4.35 3.22 6.58
C PRO A 3 -4.29 2.50 5.18
N LEU A 4 -4.66 3.22 4.10
CA LEU A 4 -4.51 2.76 2.69
C LEU A 4 -3.06 2.96 2.09
N ASP A 5 -2.02 2.70 2.89
CA ASP A 5 -0.62 2.50 2.39
C ASP A 5 -0.36 1.12 1.66
N THR A 6 -1.31 0.16 1.76
CA THR A 6 -1.21 -1.21 1.17
C THR A 6 -2.27 -1.53 0.03
N VAL A 7 -3.06 -0.53 -0.39
CA VAL A 7 -4.09 -0.60 -1.46
C VAL A 7 -3.52 -0.02 -2.81
N GLN A 8 -3.07 1.25 -2.80
CA GLN A 8 -2.39 1.87 -3.96
C GLN A 8 -0.95 1.35 -4.27
N ARG A 9 -0.18 0.98 -3.24
CA ARG A 9 1.24 0.57 -3.38
C ARG A 9 1.66 -0.31 -2.16
N PRO A 10 1.34 -1.62 -2.05
CA PRO A 10 1.81 -2.46 -0.92
C PRO A 10 3.35 -2.72 -0.90
N LYS A 11 3.81 -3.49 0.10
CA LYS A 11 5.19 -4.05 0.07
C LYS A 11 5.46 -5.26 -0.92
N GLY A 12 4.81 -5.23 -2.10
CA GLY A 12 5.18 -6.07 -3.27
C GLY A 12 5.40 -5.33 -4.61
N TYR A 13 5.66 -4.01 -4.61
CA TYR A 13 5.95 -3.20 -5.83
C TYR A 13 7.29 -2.43 -5.68
N ARG A 2 -1.18 7.03 6.51
CA ARG A 2 -2.55 6.65 6.03
C ARG A 2 -2.83 5.13 6.25
N PRO A 3 -4.08 4.67 6.57
CA PRO A 3 -4.40 3.20 6.58
C PRO A 3 -4.37 2.49 5.18
N LEU A 4 -4.71 3.21 4.10
CA LEU A 4 -4.54 2.75 2.70
C LEU A 4 -3.10 2.95 2.10
N ASP A 5 -2.04 2.70 2.90
CA ASP A 5 -0.65 2.50 2.38
C ASP A 5 -0.38 1.10 1.69
N THR A 6 -1.34 0.16 1.77
CA THR A 6 -1.24 -1.21 1.17
C THR A 6 -2.32 -1.54 0.06
N VAL A 7 -3.03 -0.52 -0.42
CA VAL A 7 -4.08 -0.60 -1.49
C VAL A 7 -3.53 -0.01 -2.83
N GLN A 8 -3.09 1.25 -2.81
CA GLN A 8 -2.40 1.91 -3.95
C GLN A 8 -0.96 1.40 -4.26
N ARG A 9 -0.18 1.01 -3.23
CA ARG A 9 1.23 0.59 -3.38
C ARG A 9 1.65 -0.28 -2.14
N PRO A 10 1.34 -1.61 -2.03
CA PRO A 10 1.82 -2.44 -0.90
C PRO A 10 3.36 -2.69 -0.89
N LYS A 11 3.83 -3.45 0.11
CA LYS A 11 5.21 -4.03 0.08
C LYS A 11 5.43 -5.24 -0.89
N GLY A 12 4.83 -5.20 -2.09
CA GLY A 12 5.18 -6.06 -3.24
C GLY A 12 5.50 -5.35 -4.59
N TYR A 13 5.67 -4.01 -4.61
CA TYR A 13 5.93 -3.21 -5.83
C TYR A 13 7.27 -2.43 -5.69
N ARG A 2 -1.33 7.22 6.26
CA ARG A 2 -2.73 6.74 6.03
C ARG A 2 -2.92 5.20 6.30
N PRO A 3 -4.14 4.68 6.62
CA PRO A 3 -4.43 3.22 6.59
C PRO A 3 -4.36 2.52 5.17
N LEU A 4 -4.68 3.26 4.10
CA LEU A 4 -4.54 2.80 2.69
C LEU A 4 -3.09 2.94 2.09
N ASP A 5 -2.05 2.64 2.90
CA ASP A 5 -0.64 2.46 2.42
C ASP A 5 -0.34 1.09 1.71
N THR A 6 -1.22 0.08 1.90
CA THR A 6 -1.19 -1.24 1.20
C THR A 6 -2.26 -1.49 0.08
N VAL A 7 -3.06 -0.47 -0.30
CA VAL A 7 -4.07 -0.54 -1.40
C VAL A 7 -3.49 0.03 -2.74
N GLN A 8 -3.04 1.30 -2.74
CA GLN A 8 -2.35 1.93 -3.89
C GLN A 8 -0.91 1.41 -4.21
N ARG A 9 -0.15 0.97 -3.20
CA ARG A 9 1.26 0.56 -3.34
C ARG A 9 1.66 -0.37 -2.13
N PRO A 10 1.33 -1.68 -2.07
CA PRO A 10 1.79 -2.55 -0.95
C PRO A 10 3.32 -2.80 -0.93
N LYS A 11 3.79 -3.59 0.05
CA LYS A 11 5.18 -4.13 0.04
C LYS A 11 5.43 -5.32 -0.96
N GLY A 12 4.85 -5.23 -2.16
CA GLY A 12 5.21 -6.06 -3.35
C GLY A 12 5.43 -5.29 -4.69
N TYR A 13 5.69 -3.97 -4.65
CA TYR A 13 5.94 -3.12 -5.84
C TYR A 13 7.30 -2.37 -5.67
N ARG A 2 -2.48 7.55 7.36
CA ARG A 2 -2.36 6.80 6.08
C ARG A 2 -2.60 5.27 6.32
N PRO A 3 -3.85 4.76 6.59
CA PRO A 3 -4.13 3.29 6.60
C PRO A 3 -4.08 2.59 5.21
N LEU A 4 -4.42 3.31 4.12
CA LEU A 4 -4.32 2.85 2.72
C LEU A 4 -2.88 2.97 2.10
N ASP A 5 -1.83 2.68 2.89
CA ASP A 5 -0.43 2.47 2.37
C ASP A 5 -0.16 1.08 1.70
N THR A 6 -1.08 0.11 1.86
CA THR A 6 -1.08 -1.23 1.17
C THR A 6 -2.19 -1.46 0.08
N VAL A 7 -2.96 -0.42 -0.29
CA VAL A 7 -4.00 -0.46 -1.37
C VAL A 7 -3.43 0.10 -2.71
N GLN A 8 -2.96 1.36 -2.72
CA GLN A 8 -2.27 1.96 -3.89
C GLN A 8 -0.85 1.41 -4.22
N ARG A 9 -0.08 0.97 -3.22
CA ARG A 9 1.33 0.53 -3.38
C ARG A 9 1.72 -0.39 -2.18
N PRO A 10 1.36 -1.71 -2.11
CA PRO A 10 1.82 -2.59 -1.00
C PRO A 10 3.35 -2.88 -1.00
N LYS A 11 3.79 -3.69 -0.02
CA LYS A 11 5.16 -4.28 -0.05
C LYS A 11 5.38 -5.46 -1.07
N GLY A 12 4.77 -5.37 -2.27
CA GLY A 12 5.09 -6.21 -3.46
C GLY A 12 5.32 -5.45 -4.80
N TYR A 13 5.64 -4.15 -4.76
CA TYR A 13 5.89 -3.30 -5.96
C TYR A 13 7.26 -2.58 -5.81
N ARG A 2 -2.40 7.52 7.42
CA ARG A 2 -2.47 6.84 6.10
C ARG A 2 -2.66 5.30 6.31
N PRO A 3 -3.88 4.75 6.59
CA PRO A 3 -4.11 3.27 6.59
C PRO A 3 -4.08 2.59 5.18
N LEU A 4 -4.45 3.32 4.11
CA LEU A 4 -4.32 2.87 2.70
C LEU A 4 -2.88 3.03 2.09
N ASP A 5 -1.84 2.68 2.86
CA ASP A 5 -0.45 2.48 2.35
C ASP A 5 -0.18 1.07 1.68
N THR A 6 -1.10 0.11 1.84
CA THR A 6 -1.09 -1.23 1.16
C THR A 6 -2.21 -1.48 0.07
N VAL A 7 -3.00 -0.45 -0.29
CA VAL A 7 -4.01 -0.50 -1.39
C VAL A 7 -3.43 0.06 -2.73
N GLN A 8 -2.95 1.31 -2.73
CA GLN A 8 -2.29 1.93 -3.90
C GLN A 8 -0.86 1.41 -4.24
N ARG A 9 -0.09 0.96 -3.24
CA ARG A 9 1.32 0.53 -3.40
C ARG A 9 1.72 -0.39 -2.20
N PRO A 10 1.36 -1.71 -2.13
CA PRO A 10 1.82 -2.60 -1.01
C PRO A 10 3.35 -2.88 -1.00
N LYS A 11 3.80 -3.67 -0.02
CA LYS A 11 5.17 -4.25 -0.04
C LYS A 11 5.40 -5.45 -1.05
N GLY A 12 4.79 -5.36 -2.24
CA GLY A 12 5.12 -6.20 -3.43
C GLY A 12 5.34 -5.46 -4.77
N TYR A 13 5.65 -4.15 -4.75
CA TYR A 13 5.89 -3.31 -5.95
C TYR A 13 7.27 -2.58 -5.82
#